data_9MUP
#
_entry.id   9MUP
#
_cell.length_a   188.389
_cell.length_b   188.389
_cell.length_c   82.646
_cell.angle_alpha   90.000
_cell.angle_beta   90.000
_cell.angle_gamma   120.000
#
_symmetry.space_group_name_H-M   'P 63 2 2'
#
loop_
_entity.id
_entity.type
_entity.pdbx_description
1 polymer Tautomerase
2 water water
#
_entity_poly.entity_id   1
_entity_poly.type   'polypeptide(L)'
_entity_poly.pdbx_seq_one_letter_code
;(ZI0)IVEIHLLEGYSDAEKERLGRSLTAAVQTVVPAPPEAITVMMHEMQAADYMRGATRRTPAPALPDAAATVRDFLDT
MEARDLDKARTFLTDDFVMTFPTGRRMTDLSDLVEWSATRYRFVTKTYDRFDTAATLDGPVVYCFGTLRGEWPDGTPFDN
VRFIDRFALRDGKLAVQDVWNDLEAMRPRG
;
_entity_poly.pdbx_strand_id   A
#
# COMPACT_ATOMS: atom_id res chain seq x y z
O1 ZI0 A 1 -4.81 5.78 -31.35
C1 ZI0 A 1 -4.19 4.79 -30.87
O2 ZI0 A 1 -4.60 3.60 -31.16
C2 ZI0 A 1 -3.00 5.09 -29.97
C3 ZI0 A 1 -2.44 3.93 -29.19
O3 ZI0 A 1 -1.39 3.42 -29.47
N ZI0 A 1 -3.27 3.44 -28.14
CD ZI0 A 1 -3.04 2.41 -27.37
CG ZI0 A 1 -4.45 1.99 -26.91
CB ZI0 A 1 -5.33 3.29 -27.00
CA ZI0 A 1 -4.69 4.12 -27.80
C ZI0 A 1 -4.62 5.51 -27.17
O ZI0 A 1 -3.61 5.97 -26.69
N ILE A 2 -5.76 6.18 -27.24
CA ILE A 2 -5.86 7.51 -26.67
C ILE A 2 -6.98 7.53 -25.65
N VAL A 3 -6.65 8.00 -24.44
CA VAL A 3 -7.57 8.04 -23.31
C VAL A 3 -7.83 9.51 -22.96
N GLU A 4 -9.10 9.88 -22.86
CA GLU A 4 -9.50 11.18 -22.31
C GLU A 4 -10.21 10.91 -21.00
N ILE A 5 -10.03 11.77 -20.01
CA ILE A 5 -10.82 11.68 -18.80
C ILE A 5 -11.31 13.05 -18.40
N HIS A 6 -12.57 13.14 -18.02
CA HIS A 6 -13.24 14.37 -17.65
C HIS A 6 -13.43 14.39 -16.14
N LEU A 7 -12.95 15.45 -15.49
CA LEU A 7 -12.94 15.48 -14.03
C LEU A 7 -13.12 16.93 -13.59
N LEU A 8 -13.57 17.10 -12.34
CA LEU A 8 -13.70 18.45 -11.80
C LEU A 8 -12.35 19.01 -11.37
N GLU A 9 -12.21 20.33 -11.48
CA GLU A 9 -11.00 21.00 -11.01
C GLU A 9 -10.79 20.75 -9.52
N GLY A 10 -9.52 20.77 -9.12
CA GLY A 10 -9.14 20.64 -7.72
C GLY A 10 -8.12 19.57 -7.42
N TYR A 11 -7.63 18.86 -8.43
CA TYR A 11 -6.61 17.85 -8.21
C TYR A 11 -5.24 18.47 -8.48
N SER A 12 -4.26 18.03 -7.71
CA SER A 12 -2.92 18.57 -7.83
C SER A 12 -2.24 18.03 -9.08
N ASP A 13 -1.11 18.64 -9.44
CA ASP A 13 -0.30 18.10 -10.52
C ASP A 13 0.19 16.69 -10.18
N ALA A 14 0.43 16.43 -8.91
CA ALA A 14 0.91 15.10 -8.53
C ALA A 14 -0.21 14.08 -8.54
N GLU A 15 -1.43 14.48 -8.12
CA GLU A 15 -2.55 13.55 -8.20
C GLU A 15 -2.86 13.20 -9.65
N LYS A 16 -2.68 14.17 -10.56
CA LYS A 16 -2.93 13.92 -11.97
C LYS A 16 -1.89 12.98 -12.54
N GLU A 17 -0.63 13.15 -12.13
CA GLU A 17 0.43 12.28 -12.64
C GLU A 17 0.16 10.83 -12.25
N ARG A 18 -0.25 10.61 -11.01
CA ARG A 18 -0.66 9.28 -10.57
C ARG A 18 -1.81 8.73 -11.43
N LEU A 19 -2.86 9.50 -11.56
CA LEU A 19 -3.99 9.07 -12.34
C LEU A 19 -3.60 8.79 -13.79
N GLY A 20 -2.71 9.59 -14.35
CA GLY A 20 -2.32 9.36 -15.73
C GLY A 20 -1.48 8.11 -15.92
N ARG A 21 -0.54 7.86 -14.99
CA ARG A 21 0.23 6.62 -15.03
C ARG A 21 -0.70 5.43 -14.84
N SER A 22 -1.64 5.56 -13.93
CA SER A 22 -2.55 4.48 -13.61
C SER A 22 -3.42 4.10 -14.82
N LEU A 23 -3.93 5.10 -15.54
CA LEU A 23 -4.73 4.81 -16.71
C LEU A 23 -3.86 4.23 -17.82
N THR A 24 -2.60 4.70 -17.93
CA THR A 24 -1.73 4.19 -18.97
C THR A 24 -1.44 2.72 -18.73
N ALA A 25 -1.18 2.34 -17.48
CA ALA A 25 -0.94 0.93 -17.19
C ALA A 25 -2.20 0.09 -17.40
N ALA A 26 -3.38 0.64 -17.10
CA ALA A 26 -4.60 -0.14 -17.29
C ALA A 26 -4.75 -0.57 -18.75
N VAL A 27 -4.43 0.34 -19.66
CA VAL A 27 -4.52 0.01 -21.07
C VAL A 27 -3.61 -1.15 -21.40
N GLN A 28 -2.42 -1.20 -20.79
CA GLN A 28 -1.41 -2.20 -21.12
C GLN A 28 -1.74 -3.60 -20.61
N THR A 29 -2.78 -3.77 -19.79
CA THR A 29 -3.20 -5.12 -19.40
C THR A 29 -4.00 -5.84 -20.50
N VAL A 30 -4.42 -5.09 -21.52
CA VAL A 30 -5.15 -5.66 -22.62
C VAL A 30 -4.46 -5.40 -23.94
N VAL A 31 -3.95 -4.19 -24.14
CA VAL A 31 -3.35 -3.79 -25.40
C VAL A 31 -1.85 -3.79 -25.23
N PRO A 32 -1.14 -4.61 -25.91
CA PRO A 32 0.31 -4.70 -25.75
C PRO A 32 1.06 -3.59 -26.48
N ALA A 33 0.65 -2.34 -26.22
CA ALA A 33 1.41 -1.20 -26.71
C ALA A 33 2.45 -0.79 -25.68
N PRO A 34 3.53 -0.16 -26.15
CA PRO A 34 4.48 0.45 -25.21
C PRO A 34 3.90 1.70 -24.60
N PRO A 35 4.26 2.03 -23.36
CA PRO A 35 3.75 3.29 -22.77
C PRO A 35 3.91 4.50 -23.71
N GLU A 36 5.01 4.55 -24.47
CA GLU A 36 5.30 5.68 -25.34
C GLU A 36 4.20 5.91 -26.38
N ALA A 37 3.42 4.90 -26.69
CA ALA A 37 2.39 5.01 -27.72
C ALA A 37 1.04 5.40 -27.15
N ILE A 38 0.92 5.55 -25.85
CA ILE A 38 -0.37 5.71 -25.18
C ILE A 38 -0.46 7.14 -24.65
N THR A 39 -1.53 7.81 -25.01
CA THR A 39 -1.77 9.18 -24.64
C THR A 39 -2.92 9.24 -23.64
N VAL A 40 -2.74 10.06 -22.62
CA VAL A 40 -3.79 10.40 -21.67
C VAL A 40 -3.97 11.91 -21.68
N MET A 41 -5.21 12.36 -21.90
CA MET A 41 -5.56 13.77 -21.88
C MET A 41 -6.62 13.96 -20.80
N MET A 42 -6.41 14.96 -19.95
CA MET A 42 -7.31 15.24 -18.83
C MET A 42 -8.00 16.56 -19.11
N HIS A 43 -9.32 16.54 -19.02
CA HIS A 43 -10.19 17.69 -19.26
C HIS A 43 -10.76 18.08 -17.91
N GLU A 44 -10.33 19.24 -17.42
CA GLU A 44 -10.69 19.75 -16.11
C GLU A 44 -11.85 20.72 -16.27
N MET A 45 -12.85 20.61 -15.41
CA MET A 45 -14.04 21.45 -15.52
C MET A 45 -14.28 22.26 -14.25
N GLN A 46 -14.58 23.55 -14.41
CA GLN A 46 -15.09 24.36 -13.31
C GLN A 46 -16.49 23.86 -12.90
N ALA A 47 -16.86 24.12 -11.65
CA ALA A 47 -18.14 23.61 -11.15
C ALA A 47 -19.29 24.10 -12.01
N ALA A 48 -19.23 25.36 -12.44
CA ALA A 48 -20.29 25.92 -13.26
C ALA A 48 -20.45 25.20 -14.60
N ASP A 49 -19.49 24.37 -15.01
CA ASP A 49 -19.46 23.79 -16.34
C ASP A 49 -19.84 22.30 -16.34
N TYR A 50 -20.24 21.77 -15.20
CA TYR A 50 -20.53 20.36 -15.04
C TYR A 50 -21.84 20.23 -14.29
N MET A 51 -22.63 19.26 -14.68
CA MET A 51 -23.95 19.11 -14.08
C MET A 51 -24.35 17.65 -14.22
N ARG A 52 -24.81 17.07 -13.11
CA ARG A 52 -25.37 15.74 -13.10
C ARG A 52 -26.62 15.85 -12.22
N GLY A 53 -27.74 15.32 -12.69
CA GLY A 53 -28.95 15.52 -11.95
C GLY A 53 -29.40 16.96 -11.94
N ALA A 54 -29.04 17.74 -12.95
CA ALA A 54 -29.40 19.15 -13.04
C ALA A 54 -28.86 19.99 -11.88
N THR A 55 -27.92 19.45 -11.12
CA THR A 55 -27.24 20.16 -10.05
C THR A 55 -25.73 20.16 -10.29
N ARG A 56 -25.05 21.12 -9.68
CA ARG A 56 -23.60 21.07 -9.66
C ARG A 56 -23.14 20.05 -8.63
N ARG A 57 -21.94 19.54 -8.83
CA ARG A 57 -21.40 18.50 -7.96
C ARG A 57 -20.08 18.98 -7.35
N THR A 58 -19.77 18.43 -6.20
CA THR A 58 -18.55 18.83 -5.51
C THR A 58 -17.59 17.67 -5.49
N PRO A 59 -16.35 17.87 -5.92
CA PRO A 59 -15.46 16.71 -6.10
C PRO A 59 -15.00 16.11 -4.76
N ALA A 60 -15.01 14.79 -4.73
CA ALA A 60 -14.43 14.03 -3.61
C ALA A 60 -12.92 14.27 -3.57
N PRO A 61 -12.37 14.72 -2.44
CA PRO A 61 -10.93 15.01 -2.40
C PRO A 61 -10.11 13.74 -2.65
N ALA A 62 -8.99 13.93 -3.34
CA ALA A 62 -8.21 12.80 -3.82
C ALA A 62 -7.80 11.90 -2.66
N LEU A 63 -7.67 10.63 -2.96
CA LEU A 63 -7.03 9.67 -2.08
C LEU A 63 -5.53 9.90 -2.09
N PRO A 64 -4.89 9.69 -0.95
CA PRO A 64 -3.43 9.65 -0.93
C PRO A 64 -2.88 8.43 -1.63
N ASP A 65 -1.67 8.59 -2.19
CA ASP A 65 -0.88 7.47 -2.73
C ASP A 65 -0.87 6.32 -1.72
N ALA A 66 -1.56 5.22 -2.05
CA ALA A 66 -1.70 4.11 -1.11
C ALA A 66 -0.32 3.49 -0.78
N ALA A 67 0.56 3.42 -1.78
CA ALA A 67 1.85 2.78 -1.54
C ALA A 67 2.66 3.60 -0.54
N ALA A 68 2.52 4.92 -0.59
CA ALA A 68 3.26 5.76 0.33
C ALA A 68 2.64 5.69 1.72
N THR A 69 1.31 5.70 1.84
CA THR A 69 0.70 5.40 3.12
C THR A 69 1.26 4.10 3.73
N VAL A 70 1.32 3.03 2.93
CA VAL A 70 1.79 1.73 3.44
C VAL A 70 3.23 1.85 3.91
N ARG A 71 4.11 2.45 3.08
CA ARG A 71 5.50 2.60 3.48
C ARG A 71 5.61 3.38 4.78
N ASP A 72 4.84 4.48 4.90
CA ASP A 72 4.92 5.33 6.09
C ASP A 72 4.48 4.57 7.32
N PHE A 73 3.41 3.78 7.23
CA PHE A 73 3.01 2.93 8.35
C PHE A 73 4.10 1.93 8.75
N LEU A 74 4.72 1.26 7.77
CA LEU A 74 5.73 0.27 8.11
C LEU A 74 7.00 0.91 8.67
N ASP A 75 7.34 2.11 8.20
CA ASP A 75 8.45 2.88 8.78
C ASP A 75 8.16 3.27 10.24
N THR A 76 6.93 3.72 10.51
CA THR A 76 6.51 4.05 11.87
C THR A 76 6.58 2.83 12.78
N MET A 77 6.19 1.65 12.27
CA MET A 77 6.28 0.43 13.05
C MET A 77 7.72 0.05 13.35
N GLU A 78 8.65 0.32 12.41
CA GLU A 78 10.05 -0.02 12.67
C GLU A 78 10.65 0.93 13.73
N ALA A 79 10.16 2.17 13.79
CA ALA A 79 10.55 3.09 14.84
C ALA A 79 9.82 2.82 16.15
N ARG A 80 8.93 1.83 16.21
CA ARG A 80 8.23 1.42 17.43
C ARG A 80 7.25 2.48 17.93
N ASP A 81 6.92 3.50 17.12
CA ASP A 81 5.94 4.50 17.50
C ASP A 81 4.51 4.04 17.24
N LEU A 82 3.97 3.25 18.17
CA LEU A 82 2.65 2.67 17.97
C LEU A 82 1.55 3.73 17.97
N ASP A 83 1.68 4.75 18.82
CA ASP A 83 0.66 5.80 18.88
C ASP A 83 0.44 6.40 17.50
N LYS A 84 1.54 6.71 16.80
CA LYS A 84 1.41 7.23 15.45
C LYS A 84 0.92 6.16 14.45
N ALA A 85 1.39 4.93 14.59
CA ALA A 85 0.96 3.87 13.69
C ALA A 85 -0.55 3.71 13.70
N ARG A 86 -1.17 3.76 14.87
CA ARG A 86 -2.61 3.52 14.94
C ARG A 86 -3.42 4.55 14.15
N THR A 87 -2.82 5.70 13.83
CA THR A 87 -3.55 6.71 13.08
C THR A 87 -3.72 6.36 11.60
N PHE A 88 -2.88 5.47 11.08
CA PHE A 88 -3.07 4.98 9.72
C PHE A 88 -4.21 3.98 9.58
N LEU A 89 -4.78 3.50 10.67
CA LEU A 89 -5.59 2.30 10.65
C LEU A 89 -7.08 2.58 10.81
N THR A 90 -7.89 1.73 10.18
CA THR A 90 -9.31 1.67 10.46
C THR A 90 -9.54 1.06 11.84
N ASP A 91 -10.73 1.30 12.40
CA ASP A 91 -10.99 0.83 13.75
C ASP A 91 -11.03 -0.69 13.83
N ASP A 92 -11.26 -1.36 12.71
CA ASP A 92 -11.37 -2.81 12.65
C ASP A 92 -10.22 -3.47 11.91
N PHE A 93 -9.10 -2.76 11.76
CA PHE A 93 -7.89 -3.31 11.15
C PHE A 93 -7.57 -4.69 11.68
N VAL A 94 -7.26 -5.59 10.76
CA VAL A 94 -6.90 -6.96 11.07
C VAL A 94 -5.59 -7.28 10.36
N MET A 95 -4.66 -7.89 11.07
CA MET A 95 -3.41 -8.37 10.51
C MET A 95 -3.40 -9.90 10.64
N THR A 96 -2.82 -10.57 9.64
CA THR A 96 -2.57 -11.99 9.68
C THR A 96 -1.11 -12.26 9.37
N PHE A 97 -0.41 -12.95 10.29
CA PHE A 97 1.03 -13.22 10.12
C PHE A 97 1.28 -14.71 9.89
N PRO A 98 2.51 -15.10 9.55
CA PRO A 98 2.81 -16.51 9.35
C PRO A 98 2.36 -17.37 10.53
N THR A 99 1.90 -18.59 10.18
CA THR A 99 1.12 -19.58 10.97
C THR A 99 -0.37 -19.23 10.93
N GLY A 100 -0.75 -18.12 10.32
CA GLY A 100 -2.14 -17.73 10.34
C GLY A 100 -2.57 -17.01 11.59
N ARG A 101 -1.62 -16.48 12.36
CA ARG A 101 -1.96 -15.76 13.58
C ARG A 101 -2.72 -14.48 13.20
N ARG A 102 -3.93 -14.31 13.75
CA ARG A 102 -4.79 -13.18 13.44
C ARG A 102 -4.85 -12.27 14.66
N MET A 103 -4.55 -10.97 14.46
CA MET A 103 -4.42 -10.01 15.54
C MET A 103 -5.10 -8.71 15.15
N THR A 104 -5.67 -8.03 16.15
CA THR A 104 -6.29 -6.73 15.91
C THR A 104 -5.64 -5.61 16.68
N ASP A 105 -4.64 -5.90 17.49
CA ASP A 105 -4.02 -4.94 18.40
C ASP A 105 -2.53 -4.92 18.10
N LEU A 106 -2.01 -3.74 17.78
CA LEU A 106 -0.59 -3.63 17.45
C LEU A 106 0.31 -4.08 18.60
N SER A 107 -0.15 -3.99 19.84
CA SER A 107 0.66 -4.43 20.96
C SER A 107 0.69 -5.95 21.05
N ASP A 108 -0.40 -6.62 20.66
CA ASP A 108 -0.40 -8.07 20.55
C ASP A 108 0.69 -8.53 19.59
N LEU A 109 0.88 -7.80 18.51
CA LEU A 109 1.89 -8.19 17.54
C LEU A 109 3.28 -8.11 18.14
N VAL A 110 3.55 -7.07 18.93
CA VAL A 110 4.90 -6.86 19.44
C VAL A 110 5.27 -7.92 20.46
N GLU A 111 4.36 -8.22 21.37
CA GLU A 111 4.50 -9.36 22.27
C GLU A 111 4.88 -10.62 21.48
N TRP A 112 4.04 -10.98 20.49
CA TRP A 112 4.24 -12.21 19.74
C TRP A 112 5.59 -12.26 19.04
N SER A 113 5.98 -11.18 18.38
CA SER A 113 7.19 -11.26 17.56
C SER A 113 8.46 -11.21 18.38
N ALA A 114 8.39 -10.80 19.66
CA ALA A 114 9.59 -10.73 20.50
C ALA A 114 10.19 -12.11 20.69
N THR A 115 9.33 -13.12 20.81
CA THR A 115 9.76 -14.50 20.89
C THR A 115 10.37 -15.02 19.60
N ARG A 116 10.16 -14.35 18.46
CA ARG A 116 10.56 -14.88 17.16
C ARG A 116 11.90 -14.33 16.66
N TYR A 117 12.28 -13.09 17.01
CA TYR A 117 13.56 -12.50 16.64
C TYR A 117 13.82 -11.31 17.58
N ARG A 118 15.10 -10.90 17.67
CA ARG A 118 15.39 -9.70 18.48
C ARG A 118 14.79 -8.47 17.82
N PHE A 119 15.13 -8.25 16.55
CA PHE A 119 14.65 -7.15 15.71
C PHE A 119 14.73 -7.57 14.24
N VAL A 120 14.00 -6.83 13.41
CA VAL A 120 14.12 -7.02 11.97
C VAL A 120 13.91 -5.68 11.24
N THR A 121 14.59 -5.56 10.11
CA THR A 121 14.63 -4.35 9.33
C THR A 121 14.38 -4.67 7.86
N LYS A 122 13.41 -3.98 7.26
CA LYS A 122 13.02 -4.27 5.88
C LYS A 122 13.85 -3.45 4.89
N THR A 123 14.33 -4.13 3.87
CA THR A 123 14.81 -3.57 2.62
C THR A 123 13.77 -3.88 1.54
N TYR A 124 13.28 -2.86 0.86
CA TYR A 124 12.19 -3.01 -0.10
C TYR A 124 12.76 -3.20 -1.51
N ASP A 125 12.33 -4.28 -2.16
CA ASP A 125 12.66 -4.47 -3.57
C ASP A 125 11.60 -3.84 -4.47
N ARG A 126 10.34 -3.79 -4.02
CA ARG A 126 9.29 -3.28 -4.89
C ARG A 126 7.99 -3.07 -4.16
N PHE A 127 7.29 -2.03 -4.58
CA PHE A 127 5.88 -1.78 -4.30
C PHE A 127 5.08 -1.91 -5.60
N ASP A 128 4.01 -2.71 -5.58
CA ASP A 128 3.06 -2.79 -6.68
C ASP A 128 1.69 -2.42 -6.13
N THR A 129 0.93 -1.65 -6.90
CA THR A 129 -0.45 -1.32 -6.53
C THR A 129 -1.38 -2.03 -7.52
N ALA A 130 -2.37 -2.72 -6.98
CA ALA A 130 -3.38 -3.45 -7.72
C ALA A 130 -4.67 -2.64 -7.62
N ALA A 131 -5.01 -1.93 -8.71
CA ALA A 131 -6.30 -1.25 -8.78
C ALA A 131 -7.41 -2.29 -8.81
N THR A 132 -8.32 -2.20 -7.86
CA THR A 132 -9.51 -3.03 -7.90
C THR A 132 -10.71 -2.10 -7.81
N LEU A 133 -11.89 -2.67 -7.95
CA LEU A 133 -13.14 -1.94 -7.81
C LEU A 133 -13.59 -1.80 -6.35
N ASP A 134 -12.78 -2.25 -5.38
CA ASP A 134 -13.00 -1.87 -3.98
C ASP A 134 -11.87 -0.98 -3.49
N GLY A 135 -11.17 -0.33 -4.42
CA GLY A 135 -10.09 0.56 -4.08
C GLY A 135 -8.76 -0.10 -4.28
N PRO A 136 -7.69 0.64 -4.05
CA PRO A 136 -6.35 0.08 -4.27
C PRO A 136 -5.95 -0.90 -3.18
N VAL A 137 -5.08 -1.83 -3.59
CA VAL A 137 -4.51 -2.90 -2.79
C VAL A 137 -3.01 -2.82 -3.01
N VAL A 138 -2.23 -2.85 -1.92
CA VAL A 138 -0.79 -2.65 -2.04
C VAL A 138 -0.05 -3.93 -1.69
N TYR A 139 0.92 -4.29 -2.53
CA TYR A 139 1.83 -5.43 -2.32
C TYR A 139 3.22 -4.82 -2.25
N CYS A 140 4.01 -5.20 -1.25
CA CYS A 140 5.43 -4.84 -1.20
C CYS A 140 6.25 -6.07 -0.74
N PHE A 141 7.48 -6.17 -1.22
CA PHE A 141 8.29 -7.34 -0.91
C PHE A 141 9.75 -6.92 -1.04
N GLY A 142 10.60 -7.71 -0.40
CA GLY A 142 12.05 -7.55 -0.46
C GLY A 142 12.68 -8.48 0.56
N THR A 143 13.62 -7.99 1.38
CA THR A 143 14.30 -8.86 2.32
C THR A 143 14.41 -8.26 3.71
N LEU A 144 14.62 -9.15 4.67
CA LEU A 144 14.77 -8.81 6.08
C LEU A 144 16.21 -9.05 6.54
N ARG A 145 16.72 -8.12 7.37
CA ARG A 145 17.92 -8.33 8.17
C ARG A 145 17.51 -8.20 9.63
N GLY A 146 18.19 -8.94 10.50
CA GLY A 146 17.81 -8.92 11.92
C GLY A 146 18.73 -9.80 12.74
N GLU A 147 18.20 -10.22 13.89
CA GLU A 147 18.95 -11.12 14.75
C GLU A 147 17.95 -12.13 15.29
N TRP A 148 18.31 -13.43 15.26
CA TRP A 148 17.51 -14.44 15.99
C TRP A 148 17.60 -14.11 17.47
N PRO A 149 16.73 -14.70 18.28
CA PRO A 149 16.71 -14.33 19.70
C PRO A 149 18.02 -14.55 20.45
N ASP A 150 18.89 -15.41 19.98
CA ASP A 150 20.19 -15.58 20.61
C ASP A 150 21.23 -14.56 20.14
N GLY A 151 20.81 -13.49 19.46
CA GLY A 151 21.76 -12.54 18.92
C GLY A 151 22.43 -12.94 17.63
N THR A 152 22.02 -14.03 17.02
CA THR A 152 22.70 -14.41 15.78
C THR A 152 22.13 -13.60 14.60
N PRO A 153 22.96 -12.94 13.81
CA PRO A 153 22.42 -12.09 12.76
C PRO A 153 22.06 -12.88 11.53
N PHE A 154 21.01 -12.42 10.87
CA PHE A 154 20.63 -12.88 9.56
C PHE A 154 20.37 -11.68 8.67
N ASP A 155 20.50 -11.92 7.37
CA ASP A 155 20.12 -10.94 6.38
C ASP A 155 19.52 -11.67 5.18
N ASN A 156 18.79 -10.92 4.36
CA ASN A 156 18.41 -11.43 3.05
C ASN A 156 17.28 -12.48 3.12
N VAL A 157 16.44 -12.38 4.14
CA VAL A 157 15.31 -13.30 4.33
C VAL A 157 14.11 -12.68 3.60
N ARG A 158 13.66 -13.32 2.53
CA ARG A 158 12.56 -12.81 1.73
C ARG A 158 11.28 -12.59 2.54
N PHE A 159 10.56 -11.52 2.18
CA PHE A 159 9.29 -11.24 2.83
C PHE A 159 8.34 -10.65 1.77
N ILE A 160 7.04 -10.68 2.08
CA ILE A 160 6.03 -9.96 1.30
C ILE A 160 4.87 -9.56 2.20
N ASP A 161 4.40 -8.30 2.01
CA ASP A 161 3.21 -7.82 2.71
C ASP A 161 2.13 -7.42 1.69
N ARG A 162 0.87 -7.61 2.08
CA ARG A 162 -0.28 -7.16 1.30
C ARG A 162 -1.20 -6.30 2.17
N PHE A 163 -1.57 -5.14 1.67
CA PHE A 163 -2.49 -4.28 2.39
C PHE A 163 -3.73 -3.99 1.57
N ALA A 164 -4.88 -4.10 2.20
CA ALA A 164 -6.13 -3.56 1.67
C ALA A 164 -6.49 -2.28 2.40
N LEU A 165 -6.89 -1.25 1.65
CA LEU A 165 -7.27 0.04 2.21
C LEU A 165 -8.77 0.30 2.14
N ARG A 166 -9.19 1.30 2.89
CA ARG A 166 -10.60 1.72 2.93
C ARG A 166 -10.63 3.21 3.21
N ASP A 167 -10.99 4.00 2.20
CA ASP A 167 -11.04 5.45 2.31
C ASP A 167 -9.70 6.00 2.78
N GLY A 168 -8.61 5.49 2.20
CA GLY A 168 -7.28 5.96 2.51
C GLY A 168 -6.62 5.36 3.74
N LYS A 169 -7.35 4.66 4.60
CA LYS A 169 -6.82 4.05 5.81
C LYS A 169 -6.62 2.55 5.63
N LEU A 170 -5.60 2.00 6.33
CA LEU A 170 -5.27 0.59 6.20
C LEU A 170 -6.29 -0.26 6.95
N ALA A 171 -6.83 -1.26 6.26
CA ALA A 171 -7.91 -2.06 6.82
C ALA A 171 -7.56 -3.52 7.01
N VAL A 172 -6.70 -4.09 6.16
CA VAL A 172 -6.29 -5.48 6.25
C VAL A 172 -4.80 -5.57 5.90
N GLN A 173 -4.03 -6.27 6.74
CA GLN A 173 -2.64 -6.61 6.43
C GLN A 173 -2.47 -8.13 6.44
N ASP A 174 -1.79 -8.65 5.42
CA ASP A 174 -1.38 -10.06 5.35
C ASP A 174 0.12 -10.12 5.12
N VAL A 175 0.77 -11.09 5.78
CA VAL A 175 2.24 -11.15 5.75
C VAL A 175 2.68 -12.59 5.50
N TRP A 176 3.69 -12.75 4.65
CA TRP A 176 4.28 -14.05 4.36
C TRP A 176 5.78 -13.82 4.27
N ASN A 177 6.58 -14.75 4.83
CA ASN A 177 8.04 -14.59 4.71
C ASN A 177 8.75 -15.91 4.96
N ASP A 178 10.08 -15.85 4.73
CA ASP A 178 10.97 -16.99 4.76
C ASP A 178 11.65 -17.17 6.15
N LEU A 179 11.14 -16.55 7.21
CA LEU A 179 11.85 -16.61 8.49
C LEU A 179 11.94 -18.04 9.02
N GLU A 180 10.79 -18.73 9.12
CA GLU A 180 10.81 -20.10 9.64
C GLU A 180 11.62 -21.01 8.74
N ALA A 181 11.72 -20.67 7.44
CA ALA A 181 12.51 -21.47 6.51
C ALA A 181 14.01 -21.29 6.74
N MET A 182 14.43 -20.13 7.19
CA MET A 182 15.85 -19.86 7.39
C MET A 182 16.25 -19.96 8.86
N ARG A 183 15.30 -20.08 9.77
CA ARG A 183 15.66 -20.19 11.18
C ARG A 183 16.56 -21.41 11.40
N PRO A 184 17.62 -21.26 12.17
CA PRO A 184 18.48 -22.42 12.46
C PRO A 184 17.84 -23.37 13.45
N ARG A 185 18.07 -24.66 13.21
CA ARG A 185 17.45 -25.77 13.95
C ARG A 185 18.58 -26.66 14.45
N GLY A 186 18.69 -26.82 15.76
CA GLY A 186 19.93 -27.28 16.37
C GLY A 186 19.91 -28.71 16.85
#